data_4FTC
#
_entry.id   4FTC
#
_cell.length_a   45.324
_cell.length_b   65.896
_cell.length_c   58.120
_cell.angle_alpha   90.000
_cell.angle_beta   94.540
_cell.angle_gamma   90.000
#
_symmetry.space_group_name_H-M   'P 1 21 1'
#
loop_
_entity.id
_entity.type
_entity.pdbx_description
1 polymer 'Serine/threonine-protein kinase Chk1'
2 non-polymer 1-(5-cyanopyrazin-2-yl)-3-(5-phenyl-1H-pyrazol-3-yl)urea
3 non-polymer 'SULFATE ION'
4 non-polymer GLYCEROL
5 non-polymer 'ISOPROPYL ALCOHOL'
6 water water
#
_entity_poly.entity_id   1
_entity_poly.type   'polypeptide(L)'
_entity_poly.pdbx_seq_one_letter_code
;AVPFVEDWDLVQTLGEGAYGEVQLAVNRVTEEAVAVKIVDMKRAVDCPENIKKEICINKMLNHENVVKFYGHRREGNIQY
LFLEYCSGGELFDRIEPDIGMPEPDAQRFFHQLMAGVVYLHGIGITHRDIKPENLLLDERDNLKISDFGLATVFRYNNRE
RLLNKM(CSO)GTLPYVAPELLKRREFHAEPVDVWSCGIVLTAMLAGELPWDQPSDSCQEYSDWKEKKTYLNPWKKIDSA
PLALLHKILVENPSARITIPDIKKDRWYNKPLKKGAKRPRVTS
;
_entity_poly.pdbx_strand_id   A
#
loop_
_chem_comp.id
_chem_comp.type
_chem_comp.name
_chem_comp.formula
GOL non-polymer GLYCEROL 'C3 H8 O3'
H6K non-polymer 1-(5-cyanopyrazin-2-yl)-3-(5-phenyl-1H-pyrazol-3-yl)urea 'C15 H11 N7 O'
IPA non-polymer 'ISOPROPYL ALCOHOL' 'C3 H8 O'
SO4 non-polymer 'SULFATE ION' 'O4 S -2'
#
# COMPACT_ATOMS: atom_id res chain seq x y z
N ALA A 1 32.50 0.85 18.28
CA ALA A 1 33.41 -0.26 18.57
C ALA A 1 34.36 -0.49 17.39
N VAL A 2 33.80 -0.86 16.21
CA VAL A 2 34.54 -1.12 14.97
C VAL A 2 34.61 0.20 14.18
N PRO A 3 35.81 0.66 13.75
CA PRO A 3 35.87 1.92 12.98
C PRO A 3 35.16 1.83 11.63
N PHE A 4 34.63 2.98 11.15
CA PHE A 4 33.96 3.24 9.85
C PHE A 4 32.61 2.51 9.66
N VAL A 5 32.10 1.79 10.68
CA VAL A 5 30.85 1.03 10.63
C VAL A 5 29.61 1.99 10.48
N GLU A 6 29.78 3.28 10.84
CA GLU A 6 28.74 4.31 10.73
C GLU A 6 28.79 5.04 9.38
N ASP A 7 29.71 4.65 8.48
CA ASP A 7 29.86 5.30 7.18
C ASP A 7 29.08 4.57 6.08
N TRP A 8 28.27 5.32 5.34
CA TRP A 8 27.43 4.82 4.24
C TRP A 8 27.73 5.57 2.97
N ASP A 9 27.94 4.86 1.85
CA ASP A 9 28.15 5.49 0.55
C ASP A 9 26.80 5.55 -0.18
N LEU A 10 26.41 6.74 -0.68
CA LEU A 10 25.19 6.90 -1.47
C LEU A 10 25.56 6.52 -2.90
N VAL A 11 25.05 5.37 -3.38
CA VAL A 11 25.44 4.82 -4.67
C VAL A 11 24.45 5.07 -5.85
N GLN A 12 23.13 5.24 -5.59
CA GLN A 12 22.17 5.53 -6.67
C GLN A 12 20.83 6.08 -6.15
N THR A 13 20.12 6.84 -7.01
CA THR A 13 18.82 7.45 -6.72
C THR A 13 17.73 6.40 -6.96
N LEU A 14 16.89 6.17 -5.95
CA LEU A 14 15.82 5.17 -6.01
C LEU A 14 14.46 5.78 -6.41
N GLY A 15 14.20 7.01 -5.97
CA GLY A 15 12.97 7.73 -6.27
C GLY A 15 13.04 9.21 -5.96
N GLY A 20 11.93 16.18 -2.13
CA GLY A 20 12.94 15.30 -1.55
C GLY A 20 13.45 14.22 -2.48
N GLU A 21 14.34 13.35 -1.97
CA GLU A 21 14.94 12.25 -2.75
C GLU A 21 15.20 11.03 -1.88
N VAL A 22 15.14 9.84 -2.50
CA VAL A 22 15.42 8.57 -1.86
C VAL A 22 16.65 7.98 -2.56
N GLN A 23 17.72 7.73 -1.80
CA GLN A 23 18.96 7.19 -2.33
C GLN A 23 19.32 5.85 -1.69
N LEU A 24 19.90 4.95 -2.49
CA LEU A 24 20.41 3.66 -2.01
C LEU A 24 21.75 3.90 -1.33
N ALA A 25 21.87 3.51 -0.06
CA ALA A 25 23.10 3.66 0.73
C ALA A 25 23.69 2.30 1.07
N VAL A 26 25.01 2.17 0.92
CA VAL A 26 25.74 0.93 1.19
C VAL A 26 26.76 1.20 2.28
N ASN A 27 26.76 0.36 3.33
CA ASN A 27 27.69 0.48 4.45
C ASN A 27 29.11 0.18 3.98
N ARG A 28 30.04 1.07 4.30
CA ARG A 28 31.47 1.02 3.94
C ARG A 28 32.14 -0.27 4.44
N VAL A 29 31.74 -0.75 5.63
CA VAL A 29 32.34 -1.92 6.26
C VAL A 29 31.54 -3.19 5.95
N THR A 30 30.24 -3.21 6.30
CA THR A 30 29.44 -4.44 6.23
C THR A 30 28.79 -4.68 4.86
N GLU A 31 28.76 -3.64 3.99
CA GLU A 31 28.14 -3.65 2.66
C GLU A 31 26.61 -3.81 2.75
N GLU A 32 26.03 -3.61 3.96
CA GLU A 32 24.58 -3.64 4.17
C GLU A 32 23.95 -2.53 3.34
N ALA A 33 22.82 -2.82 2.68
CA ALA A 33 22.12 -1.83 1.86
C ALA A 33 20.86 -1.34 2.57
N VAL A 34 20.70 -0.01 2.65
CA VAL A 34 19.54 0.67 3.23
C VAL A 34 19.10 1.79 2.26
N ALA A 35 17.84 2.27 2.41
CA ALA A 35 17.33 3.39 1.62
C ALA A 35 17.33 4.64 2.49
N VAL A 36 17.94 5.71 2.01
CA VAL A 36 18.03 6.96 2.78
C VAL A 36 17.11 7.99 2.13
N LYS A 37 16.11 8.44 2.91
CA LYS A 37 15.16 9.47 2.48
C LYS A 37 15.70 10.83 2.95
N ILE A 38 16.00 11.71 1.99
CA ILE A 38 16.56 13.04 2.24
C ILE A 38 15.43 14.06 2.04
N VAL A 39 15.11 14.82 3.11
CA VAL A 39 14.01 15.81 3.11
C VAL A 39 14.59 17.20 3.42
N ASP A 40 14.53 18.11 2.42
CA ASP A 40 15.01 19.49 2.54
C ASP A 40 13.86 20.38 3.07
N MET A 41 13.91 20.67 4.39
CA MET A 41 12.91 21.48 5.10
C MET A 41 12.90 22.94 4.65
N ASN A 50 4.87 17.52 8.52
CA ASN A 50 4.75 16.34 7.67
C ASN A 50 5.87 15.34 7.98
N ILE A 51 7.14 15.82 8.03
CA ILE A 51 8.30 14.97 8.28
C ILE A 51 8.42 14.60 9.79
N LYS A 52 8.04 15.51 10.71
CA LYS A 52 8.07 15.26 12.16
C LYS A 52 7.07 14.15 12.52
N LYS A 53 5.90 14.17 11.85
CA LYS A 53 4.84 13.18 12.00
C LYS A 53 5.28 11.84 11.37
N GLU A 54 5.99 11.90 10.20
CA GLU A 54 6.49 10.72 9.48
C GLU A 54 7.48 9.91 10.33
N ILE A 55 8.43 10.59 11.01
CA ILE A 55 9.43 9.96 11.88
C ILE A 55 8.71 9.37 13.10
N CYS A 56 7.80 10.15 13.74
CA CYS A 56 7.01 9.74 14.90
CA CYS A 56 7.06 9.72 14.91
C CYS A 56 6.19 8.49 14.59
N ILE A 57 5.54 8.47 13.40
CA ILE A 57 4.74 7.31 13.01
C ILE A 57 5.68 6.13 12.73
N ASN A 58 6.79 6.35 11.99
CA ASN A 58 7.77 5.29 11.67
C ASN A 58 8.39 4.61 12.91
N LYS A 59 8.51 5.34 14.03
CA LYS A 59 9.05 4.84 15.30
C LYS A 59 8.10 3.81 15.97
N MET A 60 6.80 3.88 15.66
CA MET A 60 5.79 2.95 16.18
C MET A 60 5.76 1.61 15.41
N LEU A 61 6.26 1.61 14.16
CA LEU A 61 6.14 0.50 13.20
C LEU A 61 7.15 -0.62 13.34
N ASN A 62 6.63 -1.86 13.32
CA ASN A 62 7.40 -3.10 13.35
C ASN A 62 6.52 -4.25 12.85
N HIS A 63 6.64 -4.56 11.56
CA HIS A 63 5.87 -5.63 10.90
C HIS A 63 6.56 -6.05 9.61
N GLU A 64 6.47 -7.36 9.27
CA GLU A 64 7.09 -7.98 8.09
C GLU A 64 6.56 -7.42 6.74
N ASN A 65 5.38 -6.75 6.73
CA ASN A 65 4.84 -6.17 5.48
C ASN A 65 4.79 -4.63 5.54
N VAL A 66 5.65 -4.03 6.36
CA VAL A 66 5.80 -2.58 6.52
C VAL A 66 7.31 -2.26 6.42
N VAL A 67 7.68 -1.28 5.58
CA VAL A 67 9.07 -0.85 5.41
C VAL A 67 9.68 -0.52 6.78
N LYS A 68 10.79 -1.22 7.13
CA LYS A 68 11.50 -1.04 8.39
C LYS A 68 12.10 0.36 8.51
N PHE A 69 12.05 0.90 9.72
CA PHE A 69 12.64 2.20 10.05
C PHE A 69 13.84 1.92 10.96
N TYR A 70 15.05 2.26 10.49
CA TYR A 70 16.28 2.00 11.24
C TYR A 70 16.66 3.16 12.18
N GLY A 71 16.30 4.38 11.77
CA GLY A 71 16.55 5.58 12.55
C GLY A 71 16.61 6.82 11.69
N HIS A 72 16.87 7.98 12.32
CA HIS A 72 16.97 9.25 11.60
C HIS A 72 18.12 10.11 12.12
N ARG A 73 18.69 10.94 11.24
CA ARG A 73 19.76 11.87 11.55
C ARG A 73 19.44 13.24 10.97
N ARG A 74 19.68 14.31 11.74
CA ARG A 74 19.43 15.68 11.28
C ARG A 74 20.76 16.43 11.14
N GLU A 75 21.06 16.89 9.91
CA GLU A 75 22.26 17.67 9.60
C GLU A 75 21.83 19.08 9.15
N GLY A 76 21.55 19.92 10.14
CA GLY A 76 21.10 21.29 9.95
C GLY A 76 19.63 21.37 9.61
N ASN A 77 19.32 21.78 8.36
CA ASN A 77 17.95 21.91 7.85
C ASN A 77 17.53 20.67 7.04
N ILE A 78 18.40 19.65 6.97
CA ILE A 78 18.15 18.42 6.21
C ILE A 78 17.88 17.24 7.17
N GLN A 79 16.78 16.51 6.92
CA GLN A 79 16.42 15.30 7.65
C GLN A 79 16.77 14.06 6.83
N TYR A 80 17.47 13.11 7.45
CA TYR A 80 17.88 11.85 6.85
C TYR A 80 17.07 10.72 7.49
N LEU A 81 16.32 9.96 6.69
CA LEU A 81 15.53 8.86 7.22
C LEU A 81 16.13 7.56 6.71
N PHE A 82 16.57 6.69 7.63
CA PHE A 82 17.19 5.40 7.30
C PHE A 82 16.11 4.34 7.28
N LEU A 83 15.78 3.87 6.07
CA LEU A 83 14.67 2.95 5.84
C LEU A 83 15.10 1.70 5.09
N GLU A 84 14.24 0.66 5.14
CA GLU A 84 14.49 -0.61 4.48
C GLU A 84 14.68 -0.47 2.96
N TYR A 85 15.75 -1.11 2.45
CA TYR A 85 15.98 -1.17 1.01
C TYR A 85 15.28 -2.43 0.51
N CYS A 86 14.46 -2.28 -0.52
CA CYS A 86 13.67 -3.36 -1.10
C CYS A 86 14.14 -3.53 -2.55
N SER A 87 14.98 -4.55 -2.78
CA SER A 87 15.64 -4.81 -4.07
C SER A 87 14.69 -5.21 -5.21
N GLY A 88 13.47 -5.64 -4.87
CA GLY A 88 12.47 -5.99 -5.87
C GLY A 88 11.77 -4.80 -6.50
N GLY A 89 12.03 -3.61 -5.95
CA GLY A 89 11.45 -2.36 -6.43
C GLY A 89 9.97 -2.22 -6.12
N GLU A 90 9.27 -1.41 -6.91
CA GLU A 90 7.85 -1.12 -6.70
C GLU A 90 6.96 -2.17 -7.33
N LEU A 91 5.82 -2.45 -6.68
CA LEU A 91 4.75 -3.31 -7.19
C LEU A 91 4.28 -2.76 -8.53
N PHE A 92 4.29 -1.41 -8.66
CA PHE A 92 3.91 -0.70 -9.89
C PHE A 92 4.60 -1.30 -11.13
N ASP A 93 5.90 -1.64 -11.03
CA ASP A 93 6.66 -2.16 -12.18
C ASP A 93 6.45 -3.66 -12.44
N ARG A 94 5.61 -4.33 -11.64
CA ARG A 94 5.23 -5.73 -11.83
C ARG A 94 3.88 -5.82 -12.54
N ILE A 95 3.22 -4.67 -12.70
CA ILE A 95 1.93 -4.60 -13.36
C ILE A 95 2.20 -4.34 -14.85
N GLU A 96 1.77 -5.24 -15.72
CA GLU A 96 1.99 -5.03 -17.16
C GLU A 96 0.84 -4.16 -17.67
N PRO A 97 1.09 -2.98 -18.31
CA PRO A 97 -0.02 -2.13 -18.77
C PRO A 97 -1.05 -2.89 -19.62
N ASP A 98 -2.34 -2.67 -19.29
CA ASP A 98 -3.55 -3.25 -19.91
C ASP A 98 -3.66 -4.78 -19.74
N ILE A 99 -2.75 -5.43 -19.01
CA ILE A 99 -2.76 -6.87 -18.78
C ILE A 99 -2.88 -7.19 -17.26
N GLY A 100 -1.95 -6.66 -16.48
CA GLY A 100 -1.90 -6.89 -15.05
C GLY A 100 -0.77 -7.85 -14.73
N MET A 101 -1.10 -8.97 -14.10
CA MET A 101 -0.14 -10.00 -13.69
C MET A 101 -0.87 -11.31 -13.46
N PRO A 102 -0.17 -12.48 -13.35
CA PRO A 102 -0.91 -13.74 -13.10
C PRO A 102 -1.70 -13.63 -11.81
N GLU A 103 -2.95 -14.12 -11.84
CA GLU A 103 -3.87 -14.08 -10.71
C GLU A 103 -3.24 -14.65 -9.41
N PRO A 104 -2.45 -15.77 -9.42
CA PRO A 104 -1.84 -16.27 -8.16
C PRO A 104 -0.85 -15.27 -7.55
N ASP A 105 -0.07 -14.53 -8.38
CA ASP A 105 0.86 -13.50 -7.89
C ASP A 105 0.09 -12.35 -7.22
N ALA A 106 -1.00 -11.90 -7.89
CA ALA A 106 -1.84 -10.83 -7.35
C ALA A 106 -2.50 -11.26 -6.04
N GLN A 107 -2.94 -12.52 -5.94
CA GLN A 107 -3.57 -13.00 -4.70
C GLN A 107 -2.56 -12.95 -3.53
N ARG A 108 -1.32 -13.41 -3.77
CA ARG A 108 -0.24 -13.42 -2.77
C ARG A 108 0.11 -11.98 -2.34
N PHE A 109 0.25 -11.05 -3.31
CA PHE A 109 0.53 -9.65 -2.98
C PHE A 109 -0.63 -9.03 -2.20
N PHE A 110 -1.88 -9.44 -2.54
CA PHE A 110 -3.08 -8.92 -1.85
C PHE A 110 -3.13 -9.44 -0.40
N HIS A 111 -2.78 -10.72 -0.19
CA HIS A 111 -2.71 -11.29 1.16
C HIS A 111 -1.73 -10.51 2.03
N GLN A 112 -0.54 -10.21 1.47
CA GLN A 112 0.51 -9.49 2.20
C GLN A 112 0.13 -8.04 2.45
N LEU A 113 -0.60 -7.43 1.50
CA LEU A 113 -1.09 -6.05 1.64
C LEU A 113 -2.11 -6.02 2.79
N MET A 114 -3.05 -6.99 2.85
CA MET A 114 -4.03 -7.08 3.94
C MET A 114 -3.33 -7.27 5.29
N ALA A 115 -2.27 -8.10 5.35
CA ALA A 115 -1.54 -8.29 6.62
C ALA A 115 -0.93 -6.96 7.10
N GLY A 116 -0.32 -6.21 6.18
CA GLY A 116 0.25 -4.90 6.50
C GLY A 116 -0.79 -3.91 7.00
N VAL A 117 -1.94 -3.82 6.28
CA VAL A 117 -3.03 -2.90 6.62
C VAL A 117 -3.69 -3.27 7.97
N VAL A 118 -3.91 -4.58 8.23
CA VAL A 118 -4.48 -5.07 9.51
C VAL A 118 -3.58 -4.59 10.67
N TYR A 119 -2.26 -4.71 10.47
CA TYR A 119 -1.27 -4.31 11.46
C TYR A 119 -1.38 -2.81 11.74
N LEU A 120 -1.37 -1.98 10.68
CA LEU A 120 -1.46 -0.52 10.81
C LEU A 120 -2.76 -0.10 11.50
N HIS A 121 -3.91 -0.64 11.06
CA HIS A 121 -5.21 -0.30 11.66
C HIS A 121 -5.30 -0.77 13.12
N GLY A 122 -4.64 -1.90 13.43
CA GLY A 122 -4.57 -2.44 14.78
C GLY A 122 -3.83 -1.54 15.77
N ILE A 123 -2.85 -0.75 15.29
CA ILE A 123 -2.11 0.17 16.14
C ILE A 123 -2.66 1.63 15.94
N GLY A 124 -3.81 1.75 15.27
CA GLY A 124 -4.53 3.01 15.09
C GLY A 124 -3.94 3.94 14.05
N ILE A 125 -3.21 3.40 13.08
CA ILE A 125 -2.60 4.20 12.03
C ILE A 125 -3.30 3.96 10.67
N THR A 126 -3.61 5.05 9.94
CA THR A 126 -4.12 4.96 8.56
C THR A 126 -3.03 5.51 7.63
N HIS A 127 -2.71 4.78 6.54
CA HIS A 127 -1.64 5.15 5.59
C HIS A 127 -2.07 6.35 4.73
N ARG A 128 -3.31 6.28 4.20
CA ARG A 128 -4.01 7.31 3.40
C ARG A 128 -3.49 7.48 1.96
N ASP A 129 -2.49 6.71 1.53
CA ASP A 129 -2.01 6.84 0.14
C ASP A 129 -1.54 5.49 -0.41
N ILE A 130 -2.36 4.46 -0.19
CA ILE A 130 -2.05 3.13 -0.70
C ILE A 130 -2.24 3.13 -2.22
N LYS A 131 -1.18 2.74 -2.93
CA LYS A 131 -1.11 2.66 -4.40
C LYS A 131 0.13 1.83 -4.74
N PRO A 132 0.24 1.23 -5.96
CA PRO A 132 1.37 0.33 -6.26
C PRO A 132 2.77 0.98 -6.19
N GLU A 133 2.86 2.31 -6.35
CA GLU A 133 4.12 3.06 -6.22
C GLU A 133 4.64 3.02 -4.78
N ASN A 134 3.73 2.86 -3.79
CA ASN A 134 4.08 2.86 -2.36
C ASN A 134 4.11 1.46 -1.75
N LEU A 135 4.10 0.44 -2.60
CA LEU A 135 4.14 -0.96 -2.19
C LEU A 135 5.42 -1.55 -2.77
N LEU A 136 6.43 -1.77 -1.90
CA LEU A 136 7.75 -2.22 -2.35
C LEU A 136 7.93 -3.71 -2.16
N LEU A 137 8.88 -4.29 -2.92
CA LEU A 137 9.12 -5.72 -2.89
C LEU A 137 10.58 -6.03 -2.48
N ASP A 138 10.77 -6.97 -1.55
CA ASP A 138 12.13 -7.34 -1.12
C ASP A 138 12.71 -8.38 -2.11
N GLU A 139 13.89 -8.96 -1.80
CA GLU A 139 14.59 -9.95 -2.63
C GLU A 139 13.77 -11.22 -2.86
N ARG A 140 12.89 -11.57 -1.92
CA ARG A 140 12.01 -12.75 -2.00
C ARG A 140 10.58 -12.37 -2.45
N ASP A 141 10.43 -11.15 -3.02
CA ASP A 141 9.16 -10.59 -3.51
C ASP A 141 8.09 -10.46 -2.40
N ASN A 142 8.53 -10.15 -1.16
CA ASN A 142 7.60 -9.88 -0.07
C ASN A 142 7.22 -8.42 -0.13
N LEU A 143 5.92 -8.15 -0.05
CA LEU A 143 5.37 -6.80 -0.16
C LEU A 143 5.58 -6.05 1.16
N LYS A 144 5.96 -4.76 1.06
CA LYS A 144 6.18 -3.86 2.18
C LYS A 144 5.47 -2.54 1.92
N ILE A 145 4.63 -2.09 2.85
CA ILE A 145 3.96 -0.78 2.75
C ILE A 145 5.02 0.31 3.03
N SER A 146 5.14 1.29 2.13
CA SER A 146 6.13 2.36 2.24
CA SER A 146 6.12 2.35 2.19
C SER A 146 5.50 3.76 2.22
N ASP A 147 6.30 4.74 2.71
CA ASP A 147 6.01 6.18 2.76
C ASP A 147 4.85 6.54 3.69
N PHE A 148 5.19 6.95 4.93
CA PHE A 148 4.21 7.31 5.94
C PHE A 148 4.11 8.82 6.09
N GLY A 149 4.45 9.49 5.00
CA GLY A 149 4.39 10.95 4.85
C GLY A 149 3.00 11.53 4.96
N LEU A 150 1.95 10.78 4.52
CA LEU A 150 0.55 11.25 4.60
C LEU A 150 -0.23 10.50 5.68
N ALA A 151 0.44 9.58 6.40
CA ALA A 151 -0.19 8.75 7.43
C ALA A 151 -0.60 9.57 8.66
N THR A 152 -1.62 9.11 9.40
CA THR A 152 -2.05 9.80 10.62
C THR A 152 -2.64 8.79 11.62
N VAL A 153 -2.72 9.21 12.88
CA VAL A 153 -3.28 8.38 13.96
C VAL A 153 -4.77 8.64 13.97
N PHE A 154 -5.60 7.57 13.78
CA PHE A 154 -7.06 7.74 13.76
C PHE A 154 -7.70 7.18 15.03
N ARG A 155 -6.95 6.43 15.86
CA ARG A 155 -7.46 5.86 17.12
C ARG A 155 -6.43 6.08 18.19
N TYR A 156 -6.84 6.74 19.27
CA TYR A 156 -5.95 7.04 20.40
C TYR A 156 -6.73 6.88 21.68
N ASN A 157 -6.12 6.16 22.67
CA ASN A 157 -6.77 5.85 23.95
C ASN A 157 -8.12 5.17 23.71
N ASN A 158 -8.14 4.25 22.69
CA ASN A 158 -9.30 3.46 22.25
CA ASN A 158 -9.30 3.46 22.24
C ASN A 158 -10.48 4.37 21.79
N ARG A 159 -10.19 5.63 21.41
CA ARG A 159 -11.21 6.56 20.90
CA ARG A 159 -11.21 6.54 20.90
C ARG A 159 -10.92 6.85 19.44
N GLU A 160 -11.90 6.60 18.57
CA GLU A 160 -11.70 6.83 17.15
C GLU A 160 -11.95 8.28 16.83
N ARG A 161 -11.10 8.88 16.00
CA ARG A 161 -11.38 10.22 15.54
C ARG A 161 -11.66 10.16 14.04
N LEU A 162 -12.76 10.80 13.64
CA LEU A 162 -13.17 10.88 12.24
C LEU A 162 -12.24 11.82 11.50
N LEU A 163 -11.92 11.50 10.26
CA LEU A 163 -11.04 12.33 9.47
C LEU A 163 -11.84 13.31 8.63
N ASN A 164 -11.20 14.40 8.19
CA ASN A 164 -11.81 15.42 7.31
C ASN A 164 -10.82 15.94 6.24
N LYS A 165 -9.52 15.71 6.42
CA LYS A 165 -8.49 16.18 5.49
C LYS A 165 -8.49 15.37 4.17
N MET A 166 -8.35 16.11 3.04
CA MET A 166 -8.22 15.59 1.68
C MET A 166 -6.81 15.09 1.49
N CSO A 167 -6.59 13.80 1.51
CA CSO A 167 -5.27 13.22 1.36
CB CSO A 167 -4.65 12.64 2.70
SG CSO A 167 -4.39 13.89 3.96
C CSO A 167 -5.38 12.03 0.41
O CSO A 167 -6.44 11.39 0.35
OD CSO A 167 -2.88 14.41 3.82
N GLY A 168 -4.30 11.74 -0.30
CA GLY A 168 -4.25 10.58 -1.19
C GLY A 168 -3.97 10.92 -2.65
N THR A 169 -4.41 10.03 -3.54
CA THR A 169 -4.20 10.11 -4.99
C THR A 169 -5.53 9.80 -5.61
N LEU A 170 -6.10 10.75 -6.36
CA LEU A 170 -7.47 10.71 -6.90
C LEU A 170 -7.95 9.34 -7.43
N PRO A 171 -7.23 8.60 -8.33
CA PRO A 171 -7.78 7.33 -8.82
C PRO A 171 -7.93 6.24 -7.73
N TYR A 172 -7.25 6.40 -6.59
CA TYR A 172 -7.28 5.47 -5.45
C TYR A 172 -8.14 5.93 -4.27
N VAL A 173 -8.61 7.19 -4.27
CA VAL A 173 -9.38 7.72 -3.14
CA VAL A 173 -9.36 7.73 -3.15
C VAL A 173 -10.82 7.19 -3.13
N ALA A 174 -11.35 6.96 -1.92
CA ALA A 174 -12.71 6.48 -1.69
C ALA A 174 -13.71 7.62 -1.98
N PRO A 175 -14.93 7.34 -2.50
CA PRO A 175 -15.87 8.44 -2.85
C PRO A 175 -16.31 9.33 -1.67
N GLU A 176 -16.34 8.81 -0.43
CA GLU A 176 -16.76 9.62 0.73
C GLU A 176 -15.82 10.81 0.98
N LEU A 177 -14.50 10.68 0.62
CA LEU A 177 -13.52 11.75 0.79
CA LEU A 177 -13.54 11.78 0.77
C LEU A 177 -13.91 12.94 -0.10
N LEU A 178 -14.53 12.68 -1.25
CA LEU A 178 -14.96 13.77 -2.14
C LEU A 178 -16.41 14.25 -1.81
N LYS A 179 -17.23 13.42 -1.17
CA LYS A 179 -18.64 13.79 -0.96
C LYS A 179 -18.99 14.24 0.45
N ARG A 180 -18.27 13.74 1.47
CA ARG A 180 -18.60 14.03 2.87
C ARG A 180 -17.55 14.87 3.57
N ARG A 181 -18.01 15.67 4.55
CA ARG A 181 -17.14 16.53 5.36
C ARG A 181 -16.26 15.68 6.29
N GLU A 182 -16.84 14.62 6.90
CA GLU A 182 -16.13 13.70 7.81
C GLU A 182 -16.33 12.27 7.40
N PHE A 183 -15.35 11.41 7.69
CA PHE A 183 -15.39 10.01 7.31
C PHE A 183 -14.48 9.15 8.19
N HIS A 184 -14.85 7.88 8.33
CA HIS A 184 -14.06 6.89 9.06
C HIS A 184 -12.78 6.59 8.24
N ALA A 185 -11.64 6.44 8.93
CA ALA A 185 -10.34 6.17 8.27
C ALA A 185 -10.22 4.79 7.60
N GLU A 186 -10.61 3.73 8.29
CA GLU A 186 -10.39 2.34 7.83
C GLU A 186 -11.05 2.02 6.48
N PRO A 187 -12.34 2.37 6.21
CA PRO A 187 -12.93 2.06 4.88
C PRO A 187 -12.21 2.74 3.73
N VAL A 188 -11.53 3.88 3.99
CA VAL A 188 -10.77 4.61 2.97
C VAL A 188 -9.57 3.75 2.51
N ASP A 189 -8.81 3.19 3.47
CA ASP A 189 -7.69 2.31 3.13
C ASP A 189 -8.17 1.02 2.46
N VAL A 190 -9.33 0.47 2.89
CA VAL A 190 -9.90 -0.75 2.26
C VAL A 190 -10.19 -0.48 0.75
N TRP A 191 -10.83 0.67 0.45
CA TRP A 191 -11.14 1.09 -0.91
C TRP A 191 -9.88 1.14 -1.77
N SER A 192 -8.82 1.86 -1.32
CA SER A 192 -7.56 1.98 -2.11
C SER A 192 -6.94 0.58 -2.38
N CYS A 193 -7.08 -0.36 -1.42
CA CYS A 193 -6.61 -1.76 -1.58
C CYS A 193 -7.38 -2.44 -2.71
N GLY A 194 -8.68 -2.16 -2.83
CA GLY A 194 -9.50 -2.67 -3.93
C GLY A 194 -9.07 -2.09 -5.27
N ILE A 195 -8.69 -0.80 -5.31
CA ILE A 195 -8.18 -0.22 -6.57
C ILE A 195 -6.79 -0.87 -6.93
N VAL A 196 -5.95 -1.07 -5.91
CA VAL A 196 -4.66 -1.77 -6.15
C VAL A 196 -4.95 -3.20 -6.73
N LEU A 197 -5.93 -3.92 -6.15
CA LEU A 197 -6.27 -5.27 -6.64
C LEU A 197 -6.75 -5.21 -8.11
N THR A 198 -7.58 -4.22 -8.45
CA THR A 198 -8.07 -4.00 -9.83
C THR A 198 -6.88 -3.83 -10.81
N ALA A 199 -5.92 -2.97 -10.43
CA ALA A 199 -4.70 -2.66 -11.20
C ALA A 199 -3.86 -3.93 -11.40
N MET A 200 -3.67 -4.74 -10.35
CA MET A 200 -2.90 -5.99 -10.46
C MET A 200 -3.57 -7.00 -11.41
N LEU A 201 -4.93 -7.03 -11.47
CA LEU A 201 -5.63 -8.03 -12.29
C LEU A 201 -5.98 -7.54 -13.71
N ALA A 202 -5.94 -6.24 -13.96
CA ALA A 202 -6.33 -5.72 -15.27
C ALA A 202 -5.29 -4.81 -15.93
N GLY A 203 -4.27 -4.39 -15.16
CA GLY A 203 -3.23 -3.50 -15.66
C GLY A 203 -3.73 -2.12 -16.03
N GLU A 204 -4.87 -1.70 -15.46
CA GLU A 204 -5.46 -0.39 -15.70
C GLU A 204 -6.29 0.05 -14.49
N LEU A 205 -6.41 1.36 -14.33
CA LEU A 205 -7.19 1.98 -13.25
C LEU A 205 -8.59 2.17 -13.77
N PRO A 206 -9.64 1.88 -12.97
CA PRO A 206 -11.00 1.94 -13.51
C PRO A 206 -11.52 3.35 -13.81
N TRP A 207 -11.12 4.37 -13.02
CA TRP A 207 -11.59 5.75 -13.23
C TRP A 207 -10.53 6.79 -12.77
N ASP A 208 -10.67 8.03 -13.24
CA ASP A 208 -9.81 9.16 -12.86
C ASP A 208 -10.06 9.52 -11.41
N GLN A 209 -11.31 9.35 -10.95
CA GLN A 209 -11.79 9.65 -9.59
C GLN A 209 -13.20 9.06 -9.35
N PRO A 210 -13.56 8.71 -8.09
CA PRO A 210 -14.88 8.08 -7.85
C PRO A 210 -16.01 9.10 -7.65
N SER A 211 -16.39 9.78 -8.74
CA SER A 211 -17.49 10.76 -8.67
C SER A 211 -18.55 10.44 -9.74
N ASP A 212 -19.81 10.84 -9.47
CA ASP A 212 -20.95 10.64 -10.39
C ASP A 212 -20.69 11.23 -11.79
N SER A 213 -19.91 12.33 -11.87
CA SER A 213 -19.51 13.01 -13.11
C SER A 213 -18.59 12.13 -13.99
N CYS A 214 -17.91 11.12 -13.37
CA CYS A 214 -17.03 10.20 -14.10
CA CYS A 214 -17.01 10.16 -14.04
C CYS A 214 -17.85 9.04 -14.65
N GLN A 215 -17.92 8.93 -16.02
CA GLN A 215 -18.70 7.91 -16.72
C GLN A 215 -18.33 6.48 -16.30
N GLU A 216 -17.02 6.19 -16.17
CA GLU A 216 -16.49 4.88 -15.76
C GLU A 216 -17.00 4.52 -14.36
N TYR A 217 -17.04 5.50 -13.45
CA TYR A 217 -17.54 5.26 -12.09
C TYR A 217 -19.05 5.00 -12.12
N SER A 218 -19.80 5.76 -12.94
CA SER A 218 -21.25 5.54 -13.08
C SER A 218 -21.57 4.17 -13.64
N ASP A 219 -20.77 3.70 -14.64
CA ASP A 219 -20.92 2.39 -15.29
C ASP A 219 -20.75 1.26 -14.29
N TRP A 220 -19.75 1.39 -13.38
CA TRP A 220 -19.50 0.43 -12.32
C TRP A 220 -20.70 0.36 -11.35
N LYS A 221 -21.25 1.51 -10.94
CA LYS A 221 -22.41 1.55 -10.03
C LYS A 221 -23.65 0.94 -10.69
N GLU A 222 -23.72 1.00 -12.02
CA GLU A 222 -24.82 0.41 -12.81
C GLU A 222 -24.49 -1.05 -13.22
N LYS A 223 -23.41 -1.63 -12.62
CA LYS A 223 -22.92 -3.01 -12.76
C LYS A 223 -22.63 -3.44 -14.22
N LYS A 224 -22.05 -2.53 -15.02
CA LYS A 224 -21.69 -2.81 -16.41
C LYS A 224 -20.30 -3.47 -16.43
N THR A 225 -20.22 -4.70 -15.91
CA THR A 225 -18.96 -5.44 -15.78
C THR A 225 -18.50 -6.11 -17.09
N TYR A 226 -19.23 -5.87 -18.21
CA TYR A 226 -18.88 -6.36 -19.56
C TYR A 226 -17.90 -5.38 -20.21
N LEU A 227 -17.66 -4.25 -19.54
CA LEU A 227 -16.72 -3.22 -19.97
C LEU A 227 -15.37 -3.41 -19.28
N ASN A 228 -14.33 -2.73 -19.80
CA ASN A 228 -12.99 -2.72 -19.21
C ASN A 228 -13.01 -1.82 -17.98
N PRO A 229 -12.27 -2.12 -16.89
CA PRO A 229 -11.31 -3.23 -16.72
C PRO A 229 -11.94 -4.55 -16.25
N TRP A 230 -13.23 -4.51 -15.83
CA TRP A 230 -13.95 -5.62 -15.20
C TRP A 230 -14.04 -6.87 -16.07
N LYS A 231 -14.11 -6.71 -17.41
CA LYS A 231 -14.21 -7.83 -18.36
C LYS A 231 -12.98 -8.73 -18.32
N LYS A 232 -11.79 -8.17 -17.98
CA LYS A 232 -10.53 -8.91 -17.90
C LYS A 232 -10.36 -9.69 -16.59
N ILE A 233 -11.28 -9.51 -15.62
CA ILE A 233 -11.14 -10.09 -14.28
C ILE A 233 -12.08 -11.28 -14.10
N ASP A 234 -11.55 -12.39 -13.56
CA ASP A 234 -12.33 -13.61 -13.31
C ASP A 234 -13.44 -13.32 -12.30
N SER A 235 -14.57 -14.04 -12.40
CA SER A 235 -15.75 -13.83 -11.56
C SER A 235 -15.47 -13.94 -10.05
N ALA A 236 -14.55 -14.82 -9.58
CA ALA A 236 -14.25 -14.96 -8.15
C ALA A 236 -13.54 -13.66 -7.59
N PRO A 237 -12.39 -13.17 -8.12
CA PRO A 237 -11.86 -11.89 -7.58
C PRO A 237 -12.80 -10.71 -7.86
N LEU A 238 -13.56 -10.74 -8.98
CA LEU A 238 -14.51 -9.68 -9.32
C LEU A 238 -15.64 -9.59 -8.27
N ALA A 239 -16.09 -10.75 -7.69
CA ALA A 239 -17.11 -10.77 -6.63
C ALA A 239 -16.56 -10.09 -5.37
N LEU A 240 -15.24 -10.24 -5.10
CA LEU A 240 -14.60 -9.56 -3.98
C LEU A 240 -14.56 -8.04 -4.25
N LEU A 241 -14.20 -7.64 -5.48
CA LEU A 241 -14.18 -6.22 -5.87
C LEU A 241 -15.58 -5.59 -5.77
N HIS A 242 -16.66 -6.37 -6.02
CA HIS A 242 -18.03 -5.87 -5.85
C HIS A 242 -18.32 -5.51 -4.39
N LYS A 243 -17.64 -6.17 -3.44
CA LYS A 243 -17.84 -5.92 -2.00
C LYS A 243 -16.94 -4.79 -1.46
N ILE A 244 -15.76 -4.59 -2.08
CA ILE A 244 -14.82 -3.53 -1.67
C ILE A 244 -15.20 -2.18 -2.27
N LEU A 245 -15.47 -2.14 -3.57
CA LEU A 245 -15.74 -0.89 -4.27
C LEU A 245 -17.24 -0.51 -4.20
N VAL A 246 -17.74 -0.42 -2.96
CA VAL A 246 -19.10 -0.08 -2.55
C VAL A 246 -19.05 1.38 -2.11
N GLU A 247 -19.89 2.23 -2.75
CA GLU A 247 -19.89 3.69 -2.48
C GLU A 247 -20.15 4.06 -1.01
N ASN A 248 -21.13 3.42 -0.37
CA ASN A 248 -21.44 3.70 1.04
C ASN A 248 -20.34 3.07 1.91
N PRO A 249 -19.48 3.85 2.62
CA PRO A 249 -18.39 3.23 3.42
C PRO A 249 -18.91 2.38 4.60
N SER A 250 -20.14 2.65 5.08
CA SER A 250 -20.75 1.87 6.17
C SER A 250 -21.19 0.49 5.70
N ALA A 251 -21.47 0.34 4.38
CA ALA A 251 -21.87 -0.95 3.80
C ALA A 251 -20.67 -1.69 3.21
N ARG A 252 -19.55 -0.98 3.02
CA ARG A 252 -18.31 -1.56 2.45
C ARG A 252 -17.81 -2.71 3.32
N ILE A 253 -17.27 -3.76 2.69
CA ILE A 253 -16.72 -4.91 3.40
C ILE A 253 -15.53 -4.47 4.28
N THR A 254 -15.40 -5.09 5.46
CA THR A 254 -14.31 -4.80 6.39
C THR A 254 -13.23 -5.82 6.12
N ILE A 255 -12.01 -5.61 6.65
CA ILE A 255 -10.93 -6.58 6.43
C ILE A 255 -11.27 -7.95 7.08
N PRO A 256 -11.82 -8.07 8.32
CA PRO A 256 -12.19 -9.42 8.80
C PRO A 256 -13.06 -10.18 7.80
N ASP A 257 -14.02 -9.49 7.11
CA ASP A 257 -14.87 -10.16 6.12
C ASP A 257 -14.13 -10.41 4.80
N ILE A 258 -13.13 -9.56 4.44
CA ILE A 258 -12.30 -9.82 3.24
C ILE A 258 -11.55 -11.19 3.42
N LYS A 259 -11.05 -11.45 4.62
CA LYS A 259 -10.32 -12.70 4.96
C LYS A 259 -11.20 -13.96 4.89
N LYS A 260 -12.53 -13.78 4.82
CA LYS A 260 -13.52 -14.86 4.72
CA LYS A 260 -13.50 -14.88 4.71
C LYS A 260 -14.00 -15.02 3.28
N ASP A 261 -13.60 -14.08 2.39
CA ASP A 261 -14.01 -14.10 0.99
C ASP A 261 -13.54 -15.37 0.29
N ARG A 262 -14.36 -15.86 -0.65
CA ARG A 262 -14.09 -17.10 -1.38
C ARG A 262 -12.78 -17.01 -2.22
N TRP A 263 -12.61 -15.95 -3.03
CA TRP A 263 -11.39 -15.83 -3.84
C TRP A 263 -10.15 -15.67 -2.94
N TYR A 264 -10.28 -14.87 -1.86
CA TYR A 264 -9.20 -14.65 -0.89
C TYR A 264 -8.65 -16.00 -0.37
N ASN A 265 -9.52 -16.96 -0.14
CA ASN A 265 -9.13 -18.26 0.39
C ASN A 265 -9.00 -19.34 -0.70
N LYS A 266 -9.04 -18.97 -1.98
CA LYS A 266 -8.93 -19.94 -3.07
C LYS A 266 -7.48 -20.39 -3.28
N PRO A 267 -7.20 -21.72 -3.28
CA PRO A 267 -5.81 -22.16 -3.54
C PRO A 267 -5.47 -21.93 -5.01
N LEU A 268 -4.41 -21.17 -5.25
CA LEU A 268 -3.97 -20.79 -6.59
C LEU A 268 -2.48 -20.89 -6.76
N LYS A 269 -1.74 -20.44 -5.75
CA LYS A 269 -0.31 -20.19 -5.77
C LYS A 269 0.54 -21.23 -5.06
N LYS A 270 1.50 -21.78 -5.81
CA LYS A 270 2.53 -22.71 -5.36
C LYS A 270 3.60 -21.90 -4.64
N GLY A 271 4.29 -22.52 -3.68
CA GLY A 271 5.38 -21.87 -2.95
C GLY A 271 6.57 -21.57 -3.85
N ALA A 272 7.57 -20.89 -3.34
CA ALA A 272 8.71 -20.60 -4.22
C ALA A 272 9.38 -21.90 -4.58
N LYS A 273 9.67 -22.12 -5.86
CA LYS A 273 10.29 -23.38 -6.23
C LYS A 273 11.61 -23.50 -5.47
N ARG A 274 11.85 -24.69 -4.93
CA ARG A 274 12.96 -24.93 -4.06
C ARG A 274 13.80 -26.04 -4.67
N PRO A 275 15.11 -25.89 -4.58
CA PRO A 275 16.00 -26.75 -5.39
C PRO A 275 15.74 -28.25 -5.13
N ARG A 276 15.69 -29.05 -6.22
CA ARG A 276 15.40 -30.48 -6.15
C ARG A 276 16.17 -31.30 -7.21
N VAL A 277 16.43 -32.59 -6.91
CA VAL A 277 17.12 -33.54 -7.80
C VAL A 277 16.31 -34.85 -7.93
N THR A 278 16.53 -35.62 -9.03
CA THR A 278 15.82 -36.87 -9.32
C THR A 278 16.75 -38.09 -9.12
N SER A 279 16.13 -39.28 -8.87
CA SER A 279 16.69 -40.62 -8.65
C SER A 279 17.45 -40.69 -7.34
N4 H6K B . 9.16 6.92 1.89
C6 H6K B . 9.79 6.02 1.59
C4 H6K B . 10.57 4.90 1.19
N2 H6K B . 10.95 4.02 2.14
C3 H6K B . 11.76 3.02 1.77
C5 H6K B . 11.00 4.75 -0.16
N3 H6K B . 11.76 3.72 -0.53
C2 H6K B . 12.15 2.85 0.42
N1 H6K B . 12.96 1.76 0.04
C1 H6K B . 13.37 1.32 -1.19
O H6K B . 14.11 0.36 -1.33
N5 H6K B . 12.85 2.02 -2.29
C7 H6K B . 13.10 1.69 -3.62
N7 H6K B . 12.48 2.42 -4.54
N6 H6K B . 12.83 1.82 -5.72
C9 H6K B . 13.67 0.77 -5.55
C8 H6K B . 13.85 0.65 -4.19
C10 H6K B . 14.25 0.01 -6.67
C15 H6K B . 14.14 0.47 -7.98
C14 H6K B . 14.64 -0.29 -9.03
C13 H6K B . 15.26 -1.50 -8.79
C12 H6K B . 15.41 -1.94 -7.48
C11 H6K B . 14.89 -1.20 -6.44
H3 H6K B . 12.11 2.40 2.58
H4 H6K B . 10.72 5.45 -0.96
H2 H6K B . 13.27 1.23 0.85
H5 H6K B . 12.26 2.85 -2.18
H1 H6K B . 12.43 2.22 -6.56
H6 H6K B . 14.47 -0.09 -3.69
H11 H6K B . 13.71 1.44 -8.19
H10 H6K B . 14.52 0.08 -10.05
H9 H6K B . 15.63 -2.08 -9.63
H8 H6K B . 15.94 -2.86 -7.29
H7 H6K B . 15.04 -1.60 -5.43
S SO4 C . -4.82 14.75 10.24
O1 SO4 C . -3.85 14.80 9.13
O2 SO4 C . -4.17 14.14 11.39
O3 SO4 C . -5.24 16.11 10.61
O4 SO4 C . -6.01 13.99 9.85
C1 GOL D . -21.96 -1.13 -5.72
O1 GOL D . -22.78 -1.53 -4.62
C2 GOL D . -21.39 -2.34 -6.45
O2 GOL D . -20.10 -2.70 -5.96
C3 GOL D . -21.28 -1.94 -7.91
O3 GOL D . -21.36 -3.19 -8.55
C1 IPA E . -2.05 3.21 22.29
C2 IPA E . -2.29 4.72 22.42
C3 IPA E . -1.76 5.17 23.80
O2 IPA E . -3.68 4.98 22.30
C1 IPA F . -1.27 1.27 -11.91
C2 IPA F . -1.77 0.94 -13.32
C3 IPA F . -3.18 0.43 -13.24
O2 IPA F . -1.09 -0.19 -13.81
#